data_2P3F
#
_entry.id   2P3F
#
_cell.length_a   137.170
_cell.length_b   137.170
_cell.length_c   167.670
_cell.angle_alpha   90.00
_cell.angle_beta   90.00
_cell.angle_gamma   120.00
#
_symmetry.space_group_name_H-M   'P 61 2 2'
#
loop_
_entity.id
_entity.type
_entity.pdbx_description
1 polymer 'Coagulation factor X'
2 polymer 'Coagulation factor X'
3 polymer 'Anti-coagulant protein 5'
4 non-polymer 'SODIUM ION'
5 water water
#
loop_
_entity_poly.entity_id
_entity_poly.type
_entity_poly.pdbx_seq_one_letter_code
_entity_poly.pdbx_strand_id
1 'polypeptide(L)'
;IVGGQECKDGECPWQALLINEENEGFCGGTILSEFYILTAAHCLYQAKRFKVRVGDRNTEQEEGGEAVHEVEVVIKHNRF
TKETYDFDIAVLRLKTPITFRMNVAPACLPERDWAESTLMTQKTGIVSGFGRTHEKGRQSTRLKMLEVPYVDRNSCKLSS
SFIITQNMFCAGYDTKQEDACQGDSGGPHVTRFKDTYFVTGIVSWGEGCARKGKYGIYTKVTAFLKWIDRSMKTR
;
H
2 'polypeptide(L)' TRKLCSLDNGDCDQFCHEEQNSVVCSCARGYTLADNGKACIPTGPYPCGKQTLE L
3 'polypeptide(L)' RKAYPECGENEWLDDCGTQKPCEAKCNEEPPEEEDPICRSRGCLLPPACVCKDGFYRDTVIGDCVREEECDQHEIIHV N
#
loop_
_chem_comp.id
_chem_comp.type
_chem_comp.name
_chem_comp.formula
NA non-polymer 'SODIUM ION' 'Na 1'
#
# COMPACT_ATOMS: atom_id res chain seq x y z
N ILE A 1 0.05 2.81 -9.19
CA ILE A 1 -1.00 1.74 -9.48
C ILE A 1 -0.93 1.23 -10.93
N VAL A 2 -1.33 0.00 -11.22
CA VAL A 2 -1.33 -0.43 -12.63
C VAL A 2 -2.79 -0.54 -13.12
N GLY A 3 -3.20 0.58 -13.74
CA GLY A 3 -4.51 0.69 -14.30
C GLY A 3 -5.70 0.77 -13.38
N GLY A 4 -6.25 1.97 -13.24
CA GLY A 4 -7.43 2.12 -12.44
C GLY A 4 -7.87 3.47 -12.91
N GLN A 5 -7.55 4.51 -12.16
CA GLN A 5 -7.96 5.81 -12.60
C GLN A 5 -7.53 6.83 -11.59
N GLU A 6 -7.43 8.09 -12.00
CA GLU A 6 -7.04 9.08 -11.04
C GLU A 6 -8.19 9.22 -10.11
N CYS A 7 -7.87 9.54 -8.85
CA CYS A 7 -8.86 9.77 -7.82
C CYS A 7 -9.35 11.12 -8.17
N LYS A 8 -10.65 11.31 -8.25
CA LYS A 8 -11.11 12.64 -8.57
C LYS A 8 -10.88 13.49 -7.32
N ASP A 9 -11.09 14.80 -7.42
CA ASP A 9 -10.86 15.61 -6.23
C ASP A 9 -11.86 15.20 -5.15
N GLY A 10 -11.40 15.12 -3.91
CA GLY A 10 -12.30 14.72 -2.85
C GLY A 10 -12.34 13.20 -2.71
N GLU A 11 -12.12 12.51 -3.82
CA GLU A 11 -12.10 11.03 -3.86
C GLU A 11 -11.20 10.18 -2.95
N CYS A 12 -9.87 10.44 -2.92
CA CYS A 12 -8.94 9.67 -2.07
C CYS A 12 -8.26 10.52 -0.99
N PRO A 13 -9.07 11.12 -0.11
CA PRO A 13 -8.54 11.98 0.94
C PRO A 13 -7.71 11.36 2.05
N TRP A 14 -7.76 10.07 2.30
CA TRP A 14 -6.97 9.55 3.39
C TRP A 14 -5.63 9.20 2.91
N GLN A 15 -5.40 9.47 1.65
CA GLN A 15 -4.10 9.14 1.06
C GLN A 15 -2.92 9.98 1.57
N ALA A 16 -1.79 9.38 1.92
CA ALA A 16 -0.64 10.17 2.35
C ALA A 16 0.53 9.70 1.51
N LEU A 17 1.49 10.61 1.29
CA LEU A 17 2.67 10.28 0.52
C LEU A 17 3.86 10.49 1.41
N LEU A 18 4.69 9.47 1.60
CA LEU A 18 5.89 9.65 2.41
C LEU A 18 6.88 10.20 1.42
N ILE A 19 7.64 11.24 1.77
CA ILE A 19 8.66 11.72 0.80
C ILE A 19 10.11 11.84 1.31
N ASN A 20 11.07 11.49 0.46
CA ASN A 20 12.52 11.51 0.75
C ASN A 20 13.05 12.92 0.85
N GLU A 21 14.33 12.97 1.22
CA GLU A 21 15.03 14.24 1.41
C GLU A 21 15.08 15.05 0.10
N GLU A 22 14.58 14.48 -0.99
CA GLU A 22 14.59 15.17 -2.26
C GLU A 22 13.19 15.37 -2.72
N ASN A 23 12.24 15.17 -1.82
CA ASN A 23 10.84 15.33 -2.17
C ASN A 23 10.30 14.33 -3.14
N GLU A 24 10.90 13.18 -3.14
CA GLU A 24 10.41 12.21 -4.01
C GLU A 24 9.59 11.26 -3.17
N GLY A 25 8.38 10.98 -3.63
CA GLY A 25 7.57 10.06 -2.88
C GLY A 25 8.13 8.66 -3.04
N PHE A 26 8.18 7.92 -1.93
CA PHE A 26 8.71 6.57 -1.95
C PHE A 26 7.78 5.56 -1.28
N CYS A 27 6.63 6.01 -0.84
CA CYS A 27 5.70 5.15 -0.16
C CYS A 27 4.45 5.86 0.19
N GLY A 28 3.48 5.14 0.69
CA GLY A 28 2.29 5.87 0.98
C GLY A 28 1.97 5.74 2.41
N GLY A 29 0.77 6.23 2.74
CA GLY A 29 0.30 6.15 4.08
C GLY A 29 -1.18 6.49 4.08
N THR A 30 -1.88 5.95 5.06
CA THR A 30 -3.30 6.23 5.21
C THR A 30 -3.38 7.16 6.43
N ILE A 31 -4.09 8.27 6.27
CA ILE A 31 -4.33 9.25 7.31
C ILE A 31 -5.39 8.75 8.26
N LEU A 32 -4.94 8.42 9.47
CA LEU A 32 -5.78 7.85 10.50
C LEU A 32 -6.44 8.88 11.36
N SER A 33 -5.76 10.01 11.55
CA SER A 33 -6.26 11.12 12.38
C SER A 33 -5.31 12.30 12.24
N GLU A 34 -5.61 13.44 12.85
CA GLU A 34 -4.74 14.59 12.67
C GLU A 34 -3.27 14.37 12.92
N PHE A 35 -2.86 13.51 13.86
CA PHE A 35 -1.42 13.32 14.07
C PHE A 35 -0.90 11.98 13.64
N TYR A 36 -1.73 11.15 13.02
CA TYR A 36 -1.28 9.79 12.69
C TYR A 36 -1.37 9.24 11.28
N ILE A 37 -0.30 8.61 10.82
CA ILE A 37 -0.30 8.04 9.48
C ILE A 37 0.05 6.59 9.57
N LEU A 38 -0.69 5.74 8.88
CA LEU A 38 -0.46 4.30 8.89
C LEU A 38 0.37 3.98 7.65
N THR A 39 1.51 3.31 7.77
CA THR A 39 2.31 2.98 6.60
C THR A 39 2.85 1.54 6.72
N ALA A 40 3.76 1.13 5.83
CA ALA A 40 4.29 -0.23 5.92
C ALA A 40 5.62 -0.13 6.57
N ALA A 41 5.77 -0.96 7.61
CA ALA A 41 6.97 -1.03 8.41
C ALA A 41 8.17 -0.85 7.48
N HIS A 42 8.22 -1.70 6.44
CA HIS A 42 9.30 -1.74 5.50
C HIS A 42 9.61 -0.60 4.62
N CYS A 43 8.75 0.38 4.50
CA CYS A 43 9.11 1.53 3.66
C CYS A 43 10.16 2.30 4.42
N LEU A 44 10.29 2.02 5.69
CA LEU A 44 11.16 2.75 6.54
C LEU A 44 12.33 1.94 7.03
N TYR A 45 13.05 1.28 6.14
CA TYR A 45 14.19 0.52 6.61
C TYR A 45 15.48 1.20 6.17
N GLN A 46 15.43 1.98 5.10
CA GLN A 46 16.64 2.67 4.65
C GLN A 46 17.18 3.58 5.78
N ALA A 47 16.25 4.08 6.61
CA ALA A 47 16.55 4.94 7.76
C ALA A 47 16.64 6.47 7.62
N LYS A 48 17.16 7.01 6.51
CA LYS A 48 17.28 8.49 6.40
C LYS A 48 15.96 9.22 6.61
N ARG A 49 16.04 10.52 6.95
CA ARG A 49 14.86 11.35 7.20
C ARG A 49 13.89 11.39 6.06
N PHE A 50 12.62 11.58 6.36
CA PHE A 50 11.55 11.66 5.37
C PHE A 50 10.40 12.40 5.94
N LYS A 51 9.55 12.94 5.08
CA LYS A 51 8.39 13.68 5.55
C LYS A 51 7.04 13.10 5.10
N VAL A 52 5.98 13.89 5.24
CA VAL A 52 4.66 13.42 4.87
C VAL A 52 3.81 14.48 4.19
N ARG A 53 3.34 14.15 2.99
CA ARG A 53 2.54 15.07 2.27
C ARG A 53 1.13 14.58 2.05
N VAL A 54 0.24 15.28 2.68
CA VAL A 54 -1.13 14.94 2.57
C VAL A 54 -1.64 15.92 1.54
N GLY A 55 -2.85 15.71 1.06
CA GLY A 55 -3.38 16.64 0.09
C GLY A 55 -2.86 16.66 -1.35
N ASP A 56 -1.83 15.88 -1.74
CA ASP A 56 -1.35 15.98 -3.12
C ASP A 56 -2.09 15.20 -4.17
N ARG A 57 -2.17 15.76 -5.36
CA ARG A 57 -2.86 15.09 -6.45
C ARG A 57 -1.95 14.99 -7.67
N ASN A 58 -1.28 16.07 -8.03
CA ASN A 58 -0.33 15.94 -9.11
C ASN A 58 1.00 16.28 -8.49
N THR A 59 2.00 15.47 -8.82
CA THR A 59 3.30 15.65 -8.21
C THR A 59 4.26 16.46 -9.01
N GLU A 60 3.98 16.68 -10.28
CA GLU A 60 4.93 17.47 -11.00
C GLU A 60 4.50 18.91 -10.67
N GLN A 61 3.50 19.02 -9.83
CA GLN A 61 3.12 20.35 -9.47
C GLN A 61 2.53 20.57 -8.09
N GLU A 62 3.06 21.63 -7.49
CA GLU A 62 2.64 22.13 -6.19
C GLU A 62 1.51 23.03 -6.64
N GLU A 63 0.46 23.17 -5.86
CA GLU A 63 -0.60 24.02 -6.32
C GLU A 63 -1.68 24.09 -5.31
N GLY A 64 -1.29 24.27 -4.04
CA GLY A 64 -2.26 24.35 -2.96
C GLY A 64 -3.15 23.14 -2.68
N GLY A 65 -3.14 22.67 -1.44
CA GLY A 65 -3.95 21.51 -1.10
C GLY A 65 -3.01 20.70 -0.27
N GLU A 66 -1.79 20.69 -0.76
CA GLU A 66 -0.69 19.99 -0.14
C GLU A 66 -0.30 20.51 1.23
N ALA A 67 0.56 19.74 1.88
CA ALA A 67 1.07 20.15 3.16
C ALA A 67 2.06 19.13 3.55
N VAL A 68 3.26 19.53 3.96
CA VAL A 68 4.23 18.49 4.40
C VAL A 68 4.35 18.32 5.92
N HIS A 69 4.00 17.16 6.46
CA HIS A 69 4.09 17.06 7.89
C HIS A 69 5.37 16.38 8.27
N GLU A 70 6.06 16.95 9.23
CA GLU A 70 7.30 16.38 9.67
C GLU A 70 6.95 15.22 10.54
N VAL A 71 7.65 14.08 10.41
CA VAL A 71 7.32 12.94 11.28
C VAL A 71 7.84 13.23 12.67
N GLU A 72 7.05 13.06 13.71
CA GLU A 72 7.68 13.33 14.97
C GLU A 72 8.22 12.03 15.50
N VAL A 73 7.66 10.92 15.10
CA VAL A 73 8.18 9.70 15.66
C VAL A 73 7.57 8.51 14.93
N VAL A 74 8.31 7.40 14.85
CA VAL A 74 7.79 6.31 14.13
C VAL A 74 7.81 5.05 14.90
N ILE A 75 6.74 4.28 14.80
CA ILE A 75 6.64 3.06 15.53
C ILE A 75 6.56 1.84 14.61
N LYS A 76 7.70 1.21 14.26
CA LYS A 76 7.74 0.00 13.39
C LYS A 76 7.18 -1.09 14.18
N HIS A 77 6.49 -2.05 13.57
CA HIS A 77 5.98 -3.16 14.38
C HIS A 77 7.22 -3.88 14.74
N ASN A 78 7.25 -4.44 15.93
CA ASN A 78 8.47 -5.13 16.34
C ASN A 78 8.67 -6.61 15.90
N ARG A 79 7.78 -7.20 15.11
CA ARG A 79 8.03 -8.57 14.69
C ARG A 79 8.13 -8.64 13.18
N PHE A 80 8.35 -7.47 12.56
CA PHE A 80 8.47 -7.38 11.11
C PHE A 80 9.50 -8.34 10.57
N THR A 81 9.51 -8.58 9.26
CA THR A 81 10.47 -9.56 8.77
C THR A 81 10.93 -9.33 7.36
N LYS A 82 11.96 -8.53 7.21
CA LYS A 82 12.46 -8.17 5.88
C LYS A 82 12.47 -9.30 4.93
N GLU A 83 12.81 -10.42 5.47
CA GLU A 83 12.91 -11.60 4.71
C GLU A 83 11.56 -11.93 4.22
N THR A 84 10.52 -11.68 5.00
CA THR A 84 9.21 -12.02 4.49
C THR A 84 8.06 -11.07 4.70
N TYR A 85 8.40 -9.83 5.05
CA TYR A 85 7.38 -8.81 5.20
C TYR A 85 6.30 -9.26 6.19
N ASP A 86 6.67 -9.96 7.24
CA ASP A 86 5.63 -10.31 8.14
C ASP A 86 5.51 -9.14 9.08
N PHE A 87 4.28 -8.88 9.54
CA PHE A 87 4.05 -7.73 10.39
C PHE A 87 4.55 -6.49 9.69
N ASP A 88 4.28 -6.31 8.39
CA ASP A 88 4.74 -5.10 7.65
C ASP A 88 3.68 -4.04 7.99
N ILE A 89 3.89 -3.36 9.13
CA ILE A 89 2.99 -2.35 9.62
C ILE A 89 3.72 -1.45 10.52
N ALA A 90 3.32 -0.19 10.48
CA ALA A 90 3.95 0.83 11.28
C ALA A 90 3.15 2.14 11.22
N VAL A 91 3.12 2.85 12.33
CA VAL A 91 2.42 4.12 12.40
C VAL A 91 3.46 5.28 12.51
N LEU A 92 3.09 6.47 12.08
CA LEU A 92 3.97 7.62 12.15
C LEU A 92 3.17 8.63 12.91
N ARG A 93 3.75 9.36 13.88
CA ARG A 93 2.99 10.42 14.55
C ARG A 93 3.62 11.72 14.08
N LEU A 94 2.80 12.58 13.50
CA LEU A 94 3.31 13.85 13.00
C LEU A 94 3.61 14.80 14.14
N LYS A 95 4.59 15.67 13.89
CA LYS A 95 5.01 16.67 14.86
C LYS A 95 3.82 17.58 15.02
N THR A 96 3.50 18.26 13.92
CA THR A 96 2.35 19.15 13.84
C THR A 96 1.15 18.27 13.36
N PRO A 97 -0.09 18.76 13.45
CA PRO A 97 -1.20 17.94 13.02
C PRO A 97 -1.92 18.38 11.74
N ILE A 98 -2.42 17.37 11.00
CA ILE A 98 -3.09 17.56 9.72
C ILE A 98 -4.36 18.37 9.77
N THR A 99 -4.53 19.24 8.79
CA THR A 99 -5.72 20.04 8.76
C THR A 99 -6.65 19.46 7.76
N PHE A 100 -7.62 18.71 8.29
CA PHE A 100 -8.59 18.09 7.40
C PHE A 100 -9.24 19.17 6.63
N ARG A 101 -9.49 18.83 5.38
CA ARG A 101 -10.04 19.73 4.40
C ARG A 101 -10.38 18.91 3.21
N MET A 102 -10.74 19.57 2.13
CA MET A 102 -11.10 18.90 0.89
C MET A 102 -9.88 18.13 0.54
N ASN A 103 -10.06 16.87 0.24
CA ASN A 103 -8.93 16.02 -0.11
C ASN A 103 -8.08 15.65 1.05
N VAL A 104 -8.48 16.04 2.24
CA VAL A 104 -7.67 15.67 3.36
C VAL A 104 -8.54 15.29 4.55
N ALA A 105 -8.92 14.03 4.64
CA ALA A 105 -9.73 13.60 5.75
C ALA A 105 -9.19 12.25 6.12
N PRO A 106 -9.50 11.72 7.30
CA PRO A 106 -8.93 10.39 7.60
C PRO A 106 -9.84 9.25 7.10
N ALA A 107 -9.37 8.02 7.26
CA ALA A 107 -10.10 6.84 6.89
C ALA A 107 -10.46 6.18 8.23
N CYS A 108 -11.54 5.42 8.32
CA CYS A 108 -11.91 4.86 9.62
C CYS A 108 -11.30 3.54 9.81
N LEU A 109 -10.93 3.21 11.05
CA LEU A 109 -10.38 1.90 11.41
C LEU A 109 -11.60 0.98 11.67
N PRO A 110 -11.65 -0.25 11.19
CA PRO A 110 -12.90 -0.91 11.56
C PRO A 110 -12.76 -1.60 12.88
N GLU A 111 -13.86 -2.25 13.29
CA GLU A 111 -13.96 -3.02 14.54
C GLU A 111 -13.58 -4.39 14.03
N ARG A 112 -12.52 -4.97 14.57
CA ARG A 112 -12.03 -6.26 14.09
C ARG A 112 -13.13 -7.14 13.62
N ASP A 113 -13.86 -7.64 14.60
CA ASP A 113 -14.96 -8.56 14.34
C ASP A 113 -15.86 -8.20 13.16
N TRP A 114 -16.32 -6.95 13.13
CA TRP A 114 -17.21 -6.49 12.09
C TRP A 114 -16.48 -6.51 10.76
N ALA A 115 -15.19 -6.19 10.83
CA ALA A 115 -14.31 -6.10 9.66
C ALA A 115 -14.14 -7.47 9.02
N GLU A 116 -13.78 -8.45 9.88
CA GLU A 116 -13.56 -9.82 9.47
C GLU A 116 -14.82 -10.44 8.94
N SER A 117 -15.93 -10.08 9.53
CA SER A 117 -17.24 -10.61 9.11
C SER A 117 -17.97 -9.87 8.01
N THR A 118 -18.03 -8.55 8.12
CA THR A 118 -18.75 -7.77 7.14
C THR A 118 -17.93 -7.08 6.05
N LEU A 119 -16.78 -6.56 6.44
CA LEU A 119 -15.86 -5.86 5.54
C LEU A 119 -15.07 -6.79 4.60
N MET A 120 -14.10 -7.56 5.14
CA MET A 120 -13.26 -8.47 4.36
C MET A 120 -14.07 -9.51 3.65
N THR A 121 -15.38 -9.39 3.64
CA THR A 121 -16.20 -10.38 2.96
C THR A 121 -17.04 -9.60 1.98
N GLN A 122 -16.58 -8.40 1.69
CA GLN A 122 -17.24 -7.59 0.70
C GLN A 122 -16.44 -8.17 -0.50
N LYS A 123 -16.92 -7.91 -1.70
CA LYS A 123 -16.29 -8.43 -2.87
C LYS A 123 -14.95 -7.79 -3.20
N THR A 124 -14.77 -6.51 -2.85
CA THR A 124 -13.52 -5.79 -3.18
C THR A 124 -13.10 -4.73 -2.19
N GLY A 125 -12.01 -4.02 -2.54
CA GLY A 125 -11.46 -2.99 -1.70
C GLY A 125 -10.85 -2.00 -2.63
N ILE A 126 -10.26 -0.93 -2.12
CA ILE A 126 -9.74 0.02 -3.07
C ILE A 126 -8.29 0.42 -2.82
N VAL A 127 -7.31 -0.12 -3.57
CA VAL A 127 -5.93 0.24 -3.32
C VAL A 127 -5.67 1.56 -3.96
N SER A 128 -4.67 2.30 -3.51
CA SER A 128 -4.43 3.65 -4.06
C SER A 128 -3.08 4.27 -3.77
N GLY A 129 -2.52 4.96 -4.74
CA GLY A 129 -1.21 5.51 -4.50
C GLY A 129 -0.57 6.15 -5.72
N PHE A 130 0.66 6.70 -5.54
CA PHE A 130 1.40 7.37 -6.63
C PHE A 130 2.37 6.42 -7.41
N GLY A 131 2.18 5.10 -7.28
CA GLY A 131 3.07 4.09 -7.87
C GLY A 131 3.22 4.02 -9.35
N ARG A 132 4.32 3.44 -9.81
CA ARG A 132 4.58 3.27 -11.24
C ARG A 132 3.32 2.61 -11.77
N THR A 133 3.03 2.94 -13.04
CA THR A 133 1.85 2.51 -13.78
C THR A 133 1.89 1.23 -14.57
N HIS A 134 3.01 0.53 -14.44
CA HIS A 134 3.28 -0.73 -15.14
C HIS A 134 4.41 -1.50 -14.45
N GLU A 135 4.38 -2.82 -14.40
CA GLU A 135 5.51 -3.46 -13.72
C GLU A 135 6.86 -2.84 -14.05
N LYS A 136 7.13 -2.54 -15.31
CA LYS A 136 8.42 -1.93 -15.64
C LYS A 136 8.26 -0.52 -16.06
N GLY A 137 7.18 0.11 -15.59
CA GLY A 137 6.85 1.48 -15.91
C GLY A 137 7.32 2.51 -14.92
N ARG A 138 6.95 3.77 -15.11
CA ARG A 138 7.44 4.77 -14.17
C ARG A 138 6.46 5.17 -13.10
N GLN A 139 6.95 5.84 -12.07
CA GLN A 139 6.07 6.27 -11.01
C GLN A 139 5.05 7.16 -11.64
N SER A 140 3.83 7.18 -11.09
CA SER A 140 2.75 8.03 -11.62
C SER A 140 2.86 9.38 -11.01
N THR A 141 2.76 10.40 -11.83
CA THR A 141 2.83 11.74 -11.31
C THR A 141 1.48 12.13 -10.70
N ARG A 142 0.45 11.33 -10.95
CA ARG A 142 -0.90 11.62 -10.47
C ARG A 142 -1.44 10.54 -9.54
N LEU A 143 -2.28 10.88 -8.54
CA LEU A 143 -2.80 9.87 -7.60
C LEU A 143 -3.86 9.01 -8.26
N LYS A 144 -3.72 7.69 -8.12
CA LYS A 144 -4.61 6.71 -8.78
C LYS A 144 -5.18 5.73 -7.80
N MET A 145 -6.36 5.17 -8.06
CA MET A 145 -6.98 4.25 -7.12
C MET A 145 -7.34 3.11 -7.98
N LEU A 146 -7.57 1.97 -7.35
CA LEU A 146 -7.86 0.77 -8.08
C LEU A 146 -8.76 -0.13 -7.26
N GLU A 147 -9.82 -0.63 -7.85
CA GLU A 147 -10.67 -1.53 -7.10
C GLU A 147 -10.15 -2.95 -7.23
N VAL A 148 -9.88 -3.61 -6.10
CA VAL A 148 -9.32 -4.93 -6.20
C VAL A 148 -10.12 -5.88 -5.38
N PRO A 149 -10.61 -6.97 -6.02
CA PRO A 149 -11.41 -8.02 -5.42
C PRO A 149 -10.60 -8.74 -4.42
N TYR A 150 -11.25 -9.22 -3.37
CA TYR A 150 -10.57 -9.93 -2.30
C TYR A 150 -10.34 -11.28 -2.96
N VAL A 151 -9.18 -11.91 -2.74
CA VAL A 151 -8.87 -13.23 -3.32
C VAL A 151 -8.91 -14.21 -2.18
N ASP A 152 -9.44 -15.41 -2.38
CA ASP A 152 -9.49 -16.31 -1.24
C ASP A 152 -8.11 -16.82 -0.84
N ARG A 153 -7.96 -17.10 0.45
CA ARG A 153 -6.67 -17.49 1.01
C ARG A 153 -5.85 -18.57 0.35
N ASN A 154 -6.28 -19.82 0.42
CA ASN A 154 -5.50 -20.85 -0.20
C ASN A 154 -5.35 -20.43 -1.61
N SER A 155 -6.41 -19.91 -2.20
CA SER A 155 -6.22 -19.48 -3.55
C SER A 155 -5.05 -18.54 -3.65
N CYS A 156 -4.88 -17.73 -2.61
CA CYS A 156 -3.79 -16.79 -2.54
C CYS A 156 -2.55 -17.58 -2.29
N LYS A 157 -2.54 -18.29 -1.18
CA LYS A 157 -1.41 -19.10 -0.80
C LYS A 157 -0.84 -19.98 -1.88
N LEU A 158 -1.68 -20.61 -2.66
CA LEU A 158 -1.08 -21.49 -3.62
C LEU A 158 -0.59 -20.76 -4.83
N SER A 159 -1.10 -19.57 -5.05
CA SER A 159 -0.57 -18.86 -6.18
C SER A 159 0.78 -18.19 -5.83
N SER A 160 1.06 -17.92 -4.55
CA SER A 160 2.34 -17.25 -4.26
C SER A 160 3.45 -18.19 -4.08
N SER A 161 4.59 -17.69 -4.55
CA SER A 161 5.88 -18.35 -4.53
C SER A 161 6.53 -17.90 -3.26
N PHE A 162 5.73 -17.34 -2.37
CA PHE A 162 6.27 -16.92 -1.08
C PHE A 162 5.15 -16.99 0.00
N ILE A 163 5.55 -17.08 1.28
CA ILE A 163 4.62 -17.19 2.40
C ILE A 163 3.59 -16.11 2.57
N ILE A 164 2.34 -16.57 2.73
CA ILE A 164 1.24 -15.70 2.98
C ILE A 164 0.91 -15.99 4.43
N THR A 165 1.50 -15.21 5.32
CA THR A 165 1.22 -15.36 6.74
C THR A 165 -0.17 -14.72 7.00
N GLN A 166 -0.82 -14.97 8.15
CA GLN A 166 -2.14 -14.41 8.42
C GLN A 166 -2.14 -12.95 8.73
N ASN A 167 -0.96 -12.36 8.65
CA ASN A 167 -0.80 -10.95 8.88
C ASN A 167 -0.88 -10.32 7.53
N MET A 168 -1.09 -11.14 6.51
CA MET A 168 -1.18 -10.63 5.16
C MET A 168 -2.38 -11.24 4.43
N PHE A 169 -2.83 -10.51 3.37
CA PHE A 169 -3.91 -11.00 2.50
C PHE A 169 -3.67 -10.59 1.08
N CYS A 170 -4.35 -11.32 0.18
CA CYS A 170 -4.31 -11.16 -1.27
C CYS A 170 -5.44 -10.36 -1.97
N ALA A 171 -5.08 -9.62 -3.01
CA ALA A 171 -6.07 -8.86 -3.72
C ALA A 171 -5.68 -8.44 -5.10
N GLY A 172 -6.60 -8.68 -6.02
CA GLY A 172 -6.38 -8.33 -7.39
C GLY A 172 -6.97 -9.25 -8.42
N TYR A 173 -6.21 -9.48 -9.45
CA TYR A 173 -6.71 -10.32 -10.50
C TYR A 173 -5.76 -11.43 -10.83
N ASP A 174 -6.33 -12.51 -11.32
CA ASP A 174 -5.52 -13.63 -11.71
C ASP A 174 -4.79 -13.14 -12.90
N THR A 175 -5.60 -12.69 -13.86
CA THR A 175 -5.00 -12.26 -15.11
C THR A 175 -5.07 -10.81 -15.50
N LYS A 176 -6.19 -10.14 -15.18
CA LYS A 176 -6.40 -8.74 -15.56
C LYS A 176 -5.27 -7.90 -15.16
N GLN A 177 -4.90 -7.05 -16.08
CA GLN A 177 -3.75 -6.21 -15.81
C GLN A 177 -4.06 -5.06 -14.90
N GLU A 178 -4.41 -5.35 -13.68
CA GLU A 178 -4.65 -4.27 -12.80
C GLU A 178 -4.13 -4.74 -11.50
N ASP A 179 -3.26 -3.92 -10.90
CA ASP A 179 -2.64 -4.21 -9.60
C ASP A 179 -1.93 -3.03 -9.01
N ALA A 180 -1.45 -3.12 -7.79
CA ALA A 180 -0.72 -2.01 -7.19
C ALA A 180 0.77 -2.29 -7.51
N CYS A 181 1.66 -1.32 -7.44
CA CYS A 181 3.04 -1.63 -7.79
C CYS A 181 4.07 -0.76 -7.04
N GLN A 182 5.33 -0.81 -7.45
CA GLN A 182 6.33 -0.09 -6.74
C GLN A 182 6.02 1.34 -6.63
N GLY A 183 6.13 1.80 -5.40
CA GLY A 183 5.85 3.17 -5.10
C GLY A 183 4.55 3.23 -4.35
N ASP A 184 3.77 2.16 -4.45
CA ASP A 184 2.46 2.01 -3.78
C ASP A 184 2.48 1.46 -2.36
N SER A 185 3.56 0.80 -1.96
CA SER A 185 3.63 0.25 -0.65
C SER A 185 3.34 1.24 0.45
N GLY A 186 2.58 0.76 1.43
CA GLY A 186 2.21 1.55 2.59
C GLY A 186 1.04 2.44 2.30
N GLY A 187 0.34 2.15 1.22
CA GLY A 187 -0.77 3.01 0.85
C GLY A 187 -2.04 2.47 1.44
N PRO A 188 -3.20 3.08 1.20
CA PRO A 188 -4.33 2.45 1.84
C PRO A 188 -5.01 1.40 1.01
N HIS A 189 -5.53 0.39 1.68
CA HIS A 189 -6.37 -0.60 1.02
C HIS A 189 -7.61 -0.29 1.90
N VAL A 190 -8.64 0.34 1.34
CA VAL A 190 -9.83 0.61 2.16
C VAL A 190 -10.99 -0.05 1.50
N THR A 191 -11.82 -0.68 2.31
CA THR A 191 -12.98 -1.41 1.82
C THR A 191 -14.12 -0.55 2.12
N ARG A 192 -15.03 -0.34 1.18
CA ARG A 192 -16.17 0.55 1.45
C ARG A 192 -17.45 -0.14 1.84
N PHE A 193 -18.15 0.52 2.74
CA PHE A 193 -19.38 0.02 3.26
C PHE A 193 -20.35 1.14 3.42
N LYS A 194 -21.24 1.28 2.45
CA LYS A 194 -22.25 2.31 2.53
C LYS A 194 -21.56 3.66 2.58
N ASP A 195 -20.88 3.98 1.52
CA ASP A 195 -20.21 5.25 1.51
C ASP A 195 -19.23 5.64 2.65
N THR A 196 -18.82 4.66 3.44
CA THR A 196 -17.80 4.87 4.45
C THR A 196 -16.56 4.03 4.05
N TYR A 197 -15.37 4.57 4.21
CA TYR A 197 -14.21 3.77 3.88
C TYR A 197 -13.47 3.35 5.14
N PHE A 198 -13.31 2.04 5.34
CA PHE A 198 -12.59 1.54 6.49
C PHE A 198 -11.23 1.03 6.04
N VAL A 199 -10.17 1.30 6.79
CA VAL A 199 -8.87 0.85 6.42
C VAL A 199 -8.89 -0.63 6.61
N THR A 200 -8.60 -1.39 5.56
CA THR A 200 -8.60 -2.84 5.68
C THR A 200 -7.27 -3.50 5.36
N GLY A 201 -6.35 -2.77 4.76
CA GLY A 201 -5.08 -3.35 4.44
C GLY A 201 -4.10 -2.26 4.11
N ILE A 202 -2.82 -2.62 4.11
CA ILE A 202 -1.73 -1.72 3.76
C ILE A 202 -1.04 -2.36 2.49
N VAL A 203 -0.63 -1.57 1.50
CA VAL A 203 0.06 -2.10 0.30
C VAL A 203 1.46 -2.62 0.76
N SER A 204 1.62 -3.96 0.85
CA SER A 204 2.88 -4.57 1.31
C SER A 204 3.92 -4.93 0.26
N TRP A 205 3.78 -6.12 -0.32
CA TRP A 205 4.72 -6.60 -1.35
C TRP A 205 4.05 -7.29 -2.52
N GLY A 206 4.80 -8.11 -3.23
CA GLY A 206 4.18 -8.75 -4.38
C GLY A 206 5.19 -9.12 -5.44
N GLU A 207 4.99 -10.26 -6.13
CA GLU A 207 5.87 -10.73 -7.24
C GLU A 207 5.57 -9.95 -8.57
N GLY A 208 6.37 -8.95 -8.96
CA GLY A 208 6.04 -8.22 -10.18
C GLY A 208 4.76 -7.42 -9.95
N CYS A 209 4.12 -7.00 -11.03
CA CYS A 209 2.89 -6.23 -10.95
C CYS A 209 1.91 -6.67 -12.00
N ALA A 210 0.77 -7.19 -11.61
CA ALA A 210 -0.20 -7.60 -12.61
C ALA A 210 0.16 -8.91 -13.27
N ARG A 211 1.28 -9.52 -12.88
CA ARG A 211 1.74 -10.83 -13.42
C ARG A 211 0.63 -11.83 -13.47
N LYS A 212 0.51 -12.55 -14.58
CA LYS A 212 -0.54 -13.55 -14.64
C LYS A 212 -0.34 -14.53 -13.53
N GLY A 213 -1.46 -14.95 -12.99
CA GLY A 213 -1.41 -15.90 -11.89
C GLY A 213 -0.86 -15.36 -10.57
N LYS A 214 -0.81 -14.05 -10.41
CA LYS A 214 -0.36 -13.55 -9.16
C LYS A 214 -1.27 -12.40 -8.70
N TYR A 215 -1.37 -12.28 -7.37
CA TYR A 215 -2.14 -11.22 -6.75
C TYR A 215 -1.20 -10.24 -6.10
N GLY A 216 -1.73 -9.12 -5.62
CA GLY A 216 -0.85 -8.22 -4.95
C GLY A 216 -1.08 -8.64 -3.49
N ILE A 217 -0.11 -8.49 -2.60
CA ILE A 217 -0.45 -8.87 -1.23
C ILE A 217 -0.42 -7.65 -0.27
N TYR A 218 -1.36 -7.67 0.65
CA TYR A 218 -1.55 -6.57 1.57
C TYR A 218 -1.45 -6.94 3.06
N THR A 219 -1.03 -5.97 3.89
CA THR A 219 -0.95 -6.23 5.29
C THR A 219 -2.38 -6.25 5.74
N LYS A 220 -2.76 -7.27 6.53
CA LYS A 220 -4.11 -7.41 7.04
C LYS A 220 -4.23 -6.50 8.27
N VAL A 221 -4.60 -5.23 8.05
CA VAL A 221 -4.66 -4.29 9.16
C VAL A 221 -5.57 -4.72 10.25
N THR A 222 -6.53 -5.58 9.89
CA THR A 222 -7.56 -6.06 10.81
C THR A 222 -6.95 -6.97 11.80
N ALA A 223 -5.64 -6.94 11.85
CA ALA A 223 -4.91 -7.80 12.77
C ALA A 223 -3.78 -7.01 13.43
N PHE A 224 -3.90 -5.69 13.46
CA PHE A 224 -2.90 -4.85 14.09
C PHE A 224 -3.79 -3.72 14.50
N LEU A 225 -5.07 -4.06 14.65
CA LEU A 225 -6.08 -3.12 15.05
C LEU A 225 -5.77 -2.71 16.47
N LYS A 226 -5.55 -3.67 17.36
CA LYS A 226 -5.19 -3.20 18.71
C LYS A 226 -3.80 -2.62 18.68
N TRP A 227 -2.90 -3.26 17.93
CA TRP A 227 -1.53 -2.77 17.76
C TRP A 227 -1.58 -1.27 17.41
N ILE A 228 -2.43 -0.93 16.43
CA ILE A 228 -2.55 0.46 16.00
C ILE A 228 -2.95 1.36 17.12
N ASP A 229 -3.81 0.89 18.01
CA ASP A 229 -4.21 1.75 19.14
C ASP A 229 -3.07 1.99 20.06
N ARG A 230 -2.65 0.96 20.78
CA ARG A 230 -1.49 1.11 21.67
C ARG A 230 -0.47 1.97 20.93
N SER A 231 -0.26 1.76 19.64
CA SER A 231 0.72 2.53 18.90
C SER A 231 0.49 4.05 18.97
N MET A 232 -0.76 4.42 19.18
CA MET A 232 -1.13 5.84 19.25
C MET A 232 -1.13 6.34 20.72
N LYS A 233 -0.53 5.55 21.63
CA LYS A 233 -0.43 5.94 23.06
C LYS A 233 1.01 6.49 23.30
N THR A 234 1.98 5.81 22.69
CA THR A 234 3.43 6.14 22.68
C THR A 234 4.09 7.02 23.78
N ARG A 235 3.37 7.23 24.88
CA ARG A 235 3.86 8.01 26.02
C ARG A 235 4.04 7.06 27.22
N LEU B 4 -30.47 -10.72 14.72
CA LEU B 4 -29.74 -11.16 13.46
C LEU B 4 -29.07 -10.04 12.64
N CYS B 5 -27.73 -9.90 12.74
CA CYS B 5 -27.03 -8.84 11.98
C CYS B 5 -27.07 -9.13 10.47
N SER B 6 -26.79 -10.39 10.13
CA SER B 6 -26.75 -10.89 8.76
C SER B 6 -27.89 -10.68 7.78
N LEU B 7 -28.97 -9.99 8.16
CA LEU B 7 -29.97 -9.74 7.14
C LEU B 7 -29.34 -8.56 6.39
N ASP B 8 -29.23 -7.40 7.01
CA ASP B 8 -28.63 -6.33 6.25
C ASP B 8 -27.76 -5.57 7.13
N ASN B 9 -26.90 -6.29 7.87
CA ASN B 9 -25.97 -5.66 8.83
C ASN B 9 -26.95 -5.17 9.89
N GLY B 10 -28.11 -5.83 9.93
CA GLY B 10 -29.10 -5.43 10.91
C GLY B 10 -29.41 -3.99 10.62
N ASP B 11 -29.51 -3.70 9.34
CA ASP B 11 -29.79 -2.38 8.82
C ASP B 11 -28.99 -1.24 9.39
N CYS B 12 -27.96 -1.60 10.18
CA CYS B 12 -27.01 -0.69 10.77
C CYS B 12 -26.11 -0.13 9.67
N ASP B 13 -25.82 1.16 9.71
CA ASP B 13 -24.96 1.74 8.71
C ASP B 13 -23.49 1.40 8.89
N GLN B 14 -23.06 1.20 10.11
CA GLN B 14 -21.66 0.83 10.30
C GLN B 14 -21.60 -0.50 11.10
N PHE B 15 -20.89 -0.51 12.23
CA PHE B 15 -20.81 -1.73 13.02
C PHE B 15 -22.13 -2.36 13.51
N CYS B 16 -22.56 -3.48 12.92
CA CYS B 16 -23.76 -4.18 13.40
C CYS B 16 -23.31 -5.29 14.32
N HIS B 17 -24.08 -5.53 15.37
CA HIS B 17 -23.75 -6.57 16.32
C HIS B 17 -24.97 -7.09 16.94
N GLU B 18 -24.80 -8.10 17.74
CA GLU B 18 -25.94 -8.72 18.37
C GLU B 18 -25.84 -8.75 19.88
N GLU B 19 -26.88 -8.26 20.51
CA GLU B 19 -26.93 -8.26 21.94
C GLU B 19 -28.23 -8.96 22.25
N GLN B 20 -28.15 -10.06 23.00
CA GLN B 20 -29.32 -10.85 23.39
C GLN B 20 -30.28 -10.89 22.24
N ASN B 21 -29.86 -11.50 21.16
CA ASN B 21 -30.73 -11.61 20.02
C ASN B 21 -31.33 -10.31 19.52
N SER B 22 -30.56 -9.23 19.67
CA SER B 22 -30.97 -7.97 19.12
C SER B 22 -29.70 -7.37 18.50
N VAL B 23 -29.85 -6.92 17.28
CA VAL B 23 -28.79 -6.30 16.55
C VAL B 23 -28.66 -4.99 17.25
N VAL B 24 -27.46 -4.49 17.39
CA VAL B 24 -27.29 -3.19 18.00
C VAL B 24 -26.28 -2.47 17.12
N CYS B 25 -26.70 -1.40 16.46
CA CYS B 25 -25.78 -0.68 15.60
C CYS B 25 -24.79 0.10 16.40
N SER B 26 -23.72 0.62 15.79
CA SER B 26 -22.65 1.45 16.43
C SER B 26 -21.87 2.18 15.34
N CYS B 27 -20.88 2.97 15.73
CA CYS B 27 -20.15 3.69 14.68
C CYS B 27 -18.66 3.97 14.91
N ALA B 28 -17.99 4.46 13.86
CA ALA B 28 -16.60 4.77 13.95
C ALA B 28 -16.51 6.05 14.75
N ARG B 29 -15.39 6.27 15.44
CA ARG B 29 -15.12 7.53 16.15
C ARG B 29 -15.48 8.67 15.18
N GLY B 30 -16.10 9.73 15.67
CA GLY B 30 -16.41 10.86 14.81
C GLY B 30 -17.89 10.97 14.53
N TYR B 31 -18.51 9.82 14.66
CA TYR B 31 -19.91 9.61 14.47
C TYR B 31 -20.57 9.40 15.84
N THR B 32 -21.91 9.31 15.85
CA THR B 32 -22.68 9.08 17.09
C THR B 32 -23.94 8.51 16.49
N LEU B 33 -24.57 7.52 17.14
CA LEU B 33 -25.74 6.83 16.50
C LEU B 33 -27.03 7.56 16.44
N ALA B 34 -27.55 7.80 15.25
CA ALA B 34 -28.82 8.50 15.17
C ALA B 34 -29.76 7.89 16.18
N ASP B 35 -30.82 8.62 16.47
CA ASP B 35 -31.79 8.16 17.42
C ASP B 35 -32.39 6.88 16.92
N ASN B 36 -32.59 6.82 15.61
CA ASN B 36 -33.18 5.65 15.02
C ASN B 36 -32.41 4.38 15.27
N GLY B 37 -31.26 4.49 15.95
CA GLY B 37 -30.45 3.32 16.28
C GLY B 37 -29.82 2.54 15.12
N LYS B 38 -30.01 3.06 13.92
CA LYS B 38 -29.50 2.44 12.75
C LYS B 38 -28.36 3.23 12.25
N ALA B 39 -28.57 4.52 12.00
CA ALA B 39 -27.53 5.36 11.38
C ALA B 39 -26.46 6.03 12.17
N CYS B 40 -25.56 6.72 11.46
CA CYS B 40 -24.52 7.48 12.20
C CYS B 40 -24.42 8.98 11.82
N ILE B 41 -24.48 9.81 12.85
CA ILE B 41 -24.42 11.24 12.66
C ILE B 41 -23.01 11.69 13.01
N PRO B 42 -22.31 12.30 12.04
CA PRO B 42 -20.95 12.80 12.21
C PRO B 42 -21.06 13.82 13.27
N THR B 43 -20.25 13.71 14.28
CA THR B 43 -20.33 14.68 15.29
C THR B 43 -19.18 15.56 14.90
N GLY B 44 -18.91 15.69 13.59
CA GLY B 44 -17.77 16.50 13.12
C GLY B 44 -17.73 16.83 11.63
N PRO B 45 -16.96 17.82 11.21
CA PRO B 45 -16.88 18.23 9.79
C PRO B 45 -16.12 17.31 8.84
N TYR B 46 -15.27 16.47 9.42
CA TYR B 46 -14.48 15.60 8.60
C TYR B 46 -14.49 14.26 9.30
N PRO B 47 -15.64 13.55 9.24
CA PRO B 47 -15.77 12.23 9.89
C PRO B 47 -14.98 11.27 8.99
N CYS B 48 -14.29 10.31 9.55
CA CYS B 48 -13.51 9.45 8.71
C CYS B 48 -14.34 8.67 7.77
N GLY B 49 -13.85 8.43 6.56
CA GLY B 49 -14.59 7.54 5.68
C GLY B 49 -15.49 8.16 4.66
N LYS B 50 -15.80 9.43 4.84
CA LYS B 50 -16.66 10.07 3.87
C LYS B 50 -15.73 10.86 3.04
N GLN B 51 -15.92 10.82 1.73
CA GLN B 51 -15.05 11.60 0.88
C GLN B 51 -15.40 13.08 0.91
N THR B 52 -14.57 13.92 0.33
CA THR B 52 -14.87 15.32 0.33
C THR B 52 -15.40 15.66 -1.06
N LEU B 53 -15.78 16.91 -1.20
CA LEU B 53 -16.42 17.47 -2.38
C LEU B 53 -17.64 17.85 -1.60
N GLU B 54 -17.58 17.30 -0.38
CA GLU B 54 -18.57 17.38 0.70
C GLU B 54 -17.80 17.31 2.05
N TYR C 4 19.51 9.21 -12.81
CA TYR C 4 18.60 8.48 -13.78
C TYR C 4 19.42 7.86 -14.92
N PRO C 5 20.22 6.81 -14.60
CA PRO C 5 21.04 6.17 -15.63
C PRO C 5 20.37 5.80 -16.96
N GLU C 6 21.15 6.01 -18.03
CA GLU C 6 20.77 5.77 -19.42
C GLU C 6 20.99 4.31 -19.81
N CYS C 7 19.88 3.60 -19.90
CA CYS C 7 19.92 2.18 -20.21
C CYS C 7 20.35 1.78 -21.56
N GLY C 8 20.75 0.52 -21.61
CA GLY C 8 21.25 -0.01 -22.84
C GLY C 8 20.34 -0.92 -23.56
N GLU C 9 20.68 -1.19 -24.81
CA GLU C 9 19.88 -2.10 -25.60
C GLU C 9 19.74 -3.35 -24.71
N ASN C 10 18.49 -3.75 -24.48
CA ASN C 10 18.16 -4.90 -23.65
C ASN C 10 18.00 -4.78 -22.14
N GLU C 11 18.14 -3.57 -21.60
CA GLU C 11 17.97 -3.30 -20.18
C GLU C 11 16.84 -2.29 -20.16
N TRP C 12 16.12 -2.23 -19.04
CA TRP C 12 15.06 -1.26 -18.90
C TRP C 12 15.42 -0.43 -17.69
N LEU C 13 14.67 0.67 -17.48
CA LEU C 13 14.92 1.60 -16.38
C LEU C 13 13.98 1.42 -15.21
N ASP C 14 14.57 0.95 -14.13
CA ASP C 14 13.89 0.68 -12.88
C ASP C 14 13.94 2.00 -12.06
N ASP C 15 12.99 2.93 -12.27
CA ASP C 15 13.07 4.20 -11.50
C ASP C 15 12.97 4.00 -10.00
N CYS C 16 13.28 2.81 -9.47
CA CYS C 16 13.27 2.56 -8.02
C CYS C 16 14.42 1.65 -7.65
N GLY C 17 15.07 1.10 -8.66
CA GLY C 17 16.23 0.25 -8.41
C GLY C 17 16.05 -1.11 -7.74
N THR C 18 15.07 -1.24 -6.85
CA THR C 18 14.79 -2.45 -6.07
C THR C 18 14.84 -3.74 -6.92
N GLN C 19 14.89 -3.57 -8.23
CA GLN C 19 14.85 -4.68 -9.16
C GLN C 19 16.17 -5.20 -9.66
N LYS C 20 17.20 -4.38 -9.67
CA LYS C 20 18.52 -4.84 -10.09
C LYS C 20 18.97 -6.07 -9.27
N PRO C 21 18.91 -5.99 -7.94
CA PRO C 21 19.33 -7.13 -7.18
C PRO C 21 18.82 -8.42 -7.71
N CYS C 22 17.71 -8.45 -8.40
CA CYS C 22 17.28 -9.76 -8.82
C CYS C 22 17.64 -10.19 -10.24
N GLU C 23 18.39 -9.36 -11.00
CA GLU C 23 18.79 -9.71 -12.39
C GLU C 23 19.39 -11.09 -12.47
N ALA C 24 19.05 -11.82 -13.54
CA ALA C 24 19.56 -13.15 -13.76
C ALA C 24 21.01 -12.94 -14.16
N LYS C 25 21.94 -13.50 -13.40
CA LYS C 25 23.35 -13.33 -13.70
C LYS C 25 23.94 -14.48 -14.54
N CYS C 26 24.67 -14.09 -15.60
CA CYS C 26 25.26 -15.03 -16.54
C CYS C 26 25.89 -16.21 -15.92
N ASN C 27 27.11 -16.14 -15.39
CA ASN C 27 27.56 -17.39 -14.75
C ASN C 27 26.63 -17.36 -13.53
N GLU C 28 25.50 -18.01 -13.71
CA GLU C 28 24.45 -18.03 -12.74
C GLU C 28 24.71 -18.57 -11.36
N GLU C 29 23.82 -19.51 -11.02
CA GLU C 29 23.77 -20.17 -9.73
C GLU C 29 23.04 -19.18 -8.76
N PRO C 30 21.67 -19.20 -8.83
CA PRO C 30 20.65 -18.40 -8.09
C PRO C 30 20.60 -18.55 -6.57
N PRO C 31 20.15 -17.49 -5.88
CA PRO C 31 20.08 -17.65 -4.43
C PRO C 31 18.93 -18.62 -4.15
N GLU C 32 18.89 -19.18 -2.93
CA GLU C 32 17.84 -20.14 -2.54
C GLU C 32 16.51 -19.40 -2.36
N GLU C 33 16.68 -18.11 -2.15
CA GLU C 33 15.57 -17.23 -1.98
C GLU C 33 16.06 -15.94 -2.60
N GLU C 34 15.33 -15.45 -3.59
CA GLU C 34 15.71 -14.20 -4.22
C GLU C 34 15.72 -13.04 -3.24
N ASP C 35 16.48 -12.00 -3.55
CA ASP C 35 16.52 -10.88 -2.65
C ASP C 35 15.10 -10.45 -2.54
N PRO C 36 14.57 -10.49 -1.34
CA PRO C 36 13.20 -10.09 -1.16
C PRO C 36 12.96 -8.64 -1.47
N ILE C 37 14.03 -7.88 -1.56
CA ILE C 37 13.85 -6.47 -1.77
C ILE C 37 13.14 -6.37 -3.07
N CYS C 38 13.34 -7.37 -3.90
CA CYS C 38 12.65 -7.29 -5.15
C CYS C 38 11.12 -7.37 -5.08
N ARG C 39 10.55 -7.91 -4.01
CA ARG C 39 9.10 -7.93 -3.94
C ARG C 39 8.51 -6.70 -3.22
N SER C 40 9.35 -5.77 -2.74
CA SER C 40 8.80 -4.61 -2.06
C SER C 40 8.08 -3.76 -3.06
N ARG C 41 6.91 -3.23 -2.69
CA ARG C 41 6.19 -2.35 -3.57
C ARG C 41 6.55 -0.88 -3.23
N GLY C 42 7.66 -0.69 -2.54
CA GLY C 42 8.06 0.67 -2.26
C GLY C 42 9.08 1.15 -3.28
N CYS C 43 9.15 2.45 -3.50
CA CYS C 43 10.16 2.91 -4.45
C CYS C 43 11.35 3.25 -3.54
N LEU C 44 12.10 2.21 -3.17
CA LEU C 44 13.17 2.36 -2.21
C LEU C 44 14.65 2.66 -2.58
N LEU C 45 14.97 2.74 -3.88
CA LEU C 45 16.33 3.03 -4.36
C LEU C 45 16.33 3.86 -5.61
N PRO C 46 17.51 4.29 -6.01
CA PRO C 46 17.65 5.13 -7.21
C PRO C 46 17.59 4.30 -8.46
N PRO C 47 17.05 4.88 -9.56
CA PRO C 47 16.89 4.25 -10.89
C PRO C 47 18.11 3.51 -11.33
N ALA C 48 17.90 2.32 -11.81
CA ALA C 48 18.98 1.51 -12.22
C ALA C 48 18.57 0.70 -13.45
N CYS C 49 19.48 0.55 -14.44
CA CYS C 49 19.17 -0.19 -15.66
C CYS C 49 19.30 -1.58 -15.27
N VAL C 50 18.28 -2.36 -15.51
CA VAL C 50 18.36 -3.76 -15.14
C VAL C 50 17.84 -4.56 -16.31
N CYS C 51 18.19 -5.83 -16.33
CA CYS C 51 17.84 -6.65 -17.48
C CYS C 51 16.38 -6.85 -17.83
N LYS C 52 16.11 -6.83 -19.13
CA LYS C 52 14.76 -7.06 -19.60
C LYS C 52 14.53 -8.49 -19.26
N ASP C 53 13.27 -8.87 -19.11
CA ASP C 53 12.96 -10.27 -18.78
C ASP C 53 13.51 -11.13 -19.88
N GLY C 54 14.32 -12.10 -19.50
CA GLY C 54 14.91 -12.93 -20.53
C GLY C 54 16.21 -12.36 -21.08
N PHE C 55 17.10 -11.97 -20.17
CA PHE C 55 18.37 -11.42 -20.54
C PHE C 55 19.34 -11.50 -19.36
N TYR C 56 20.27 -12.44 -19.45
CA TYR C 56 21.15 -12.51 -18.36
C TYR C 56 22.15 -11.38 -18.47
N ARG C 57 22.75 -11.04 -17.37
CA ARG C 57 23.73 -10.02 -17.44
C ARG C 57 25.14 -10.67 -17.55
N ASP C 58 25.81 -10.52 -18.71
CA ASP C 58 27.17 -11.06 -18.85
C ASP C 58 27.93 -10.34 -17.77
N THR C 59 28.46 -11.15 -16.90
CA THR C 59 29.21 -10.68 -15.76
C THR C 59 30.33 -9.63 -16.10
N VAL C 60 31.16 -9.94 -17.12
CA VAL C 60 32.35 -9.17 -17.64
C VAL C 60 32.12 -7.92 -18.48
N ILE C 61 31.42 -8.11 -19.59
CA ILE C 61 31.02 -7.04 -20.49
C ILE C 61 29.75 -6.67 -19.69
N GLY C 62 29.68 -5.49 -19.09
CA GLY C 62 28.50 -5.24 -18.28
C GLY C 62 27.20 -5.25 -19.03
N ASP C 63 26.77 -6.36 -19.61
CA ASP C 63 25.57 -6.21 -20.35
C ASP C 63 24.57 -7.29 -20.20
N CYS C 64 23.37 -7.02 -20.72
CA CYS C 64 22.27 -7.97 -20.63
C CYS C 64 22.09 -8.55 -22.00
N VAL C 65 22.52 -9.79 -22.14
CA VAL C 65 22.49 -10.49 -23.43
C VAL C 65 21.49 -11.58 -23.34
N ARG C 66 21.34 -12.35 -24.42
CA ARG C 66 20.46 -13.53 -24.40
C ARG C 66 21.22 -14.50 -23.53
N GLU C 67 20.72 -15.72 -23.33
CA GLU C 67 21.46 -16.62 -22.45
C GLU C 67 22.74 -17.14 -23.08
N GLU C 68 22.56 -17.66 -24.26
CA GLU C 68 23.64 -18.23 -25.03
C GLU C 68 24.81 -17.30 -25.31
N GLU C 69 24.81 -16.08 -24.79
CA GLU C 69 25.93 -15.23 -25.14
C GLU C 69 26.72 -14.80 -23.94
N CYS C 70 26.82 -15.66 -22.95
CA CYS C 70 27.55 -15.24 -21.75
C CYS C 70 29.11 -15.60 -21.77
N ASP C 71 29.99 -14.90 -22.53
CA ASP C 71 31.40 -15.41 -22.68
C ASP C 71 32.65 -14.63 -23.22
N GLN C 72 33.16 -13.69 -22.45
CA GLN C 72 34.33 -12.96 -22.90
C GLN C 72 35.40 -12.81 -21.78
N HIS C 73 36.65 -13.04 -22.12
CA HIS C 73 37.73 -13.05 -21.15
C HIS C 73 38.52 -11.79 -21.04
N GLU C 74 38.64 -11.35 -19.82
CA GLU C 74 39.31 -10.12 -19.57
C GLU C 74 40.68 -10.20 -18.98
N ILE C 75 41.45 -9.15 -19.25
CA ILE C 75 42.82 -8.95 -18.77
C ILE C 75 43.17 -7.48 -19.04
N ILE C 76 43.98 -6.91 -18.16
CA ILE C 76 44.36 -5.51 -18.27
C ILE C 76 45.87 -5.37 -18.57
N HIS C 77 46.32 -4.17 -18.93
CA HIS C 77 47.75 -3.93 -19.21
C HIS C 77 48.40 -2.64 -18.63
NA NA D . -2.63 -10.93 -12.07
#